data_9J59
#
_entry.id   9J59
#
_cell.length_a   108.057
_cell.length_b   108.057
_cell.length_c   44.542
_cell.angle_alpha   90.000
_cell.angle_beta   90.000
_cell.angle_gamma   120.000
#
_symmetry.space_group_name_H-M   'P 63'
#
loop_
_entity.id
_entity.type
_entity.pdbx_description
1 polymer 'Alpha/beta hydrolase fold-3 domain-containing protein'
2 non-polymer 1,2-ETHANEDIOL
3 water water
#
_entity_poly.entity_id   1
_entity_poly.type   'polypeptide(L)'
_entity_poly.pdbx_seq_one_letter_code
;HHHHHHMPLDPRVEQFLAQMPPLNREGLSLAEARQQFKQGALLLDQMVPPPPVDTEDGTVVTTHGPVRIRRYIPDRLRFS
HPLVFYHGGGFVFGDIDTHHGLVARLCQTVGATVISVDYSLAPEAKFPVPVAECIDVARWAAHEAPGWGLKPSIVVAGDS
AGGNLAAVVSQRAKDESLPIAAQLLFYPALDMVHETPSKRDFARGYLLEADAMQWFGEQYLRTPDDVSHPWASPALSPDL
TGLPPALVITAEYDPLRDEGEAYAEALRAAGVPTEQIRFDGMIHGFMTMPIFPQMEAAIEAVARFLERID
;
_entity_poly.pdbx_strand_id   A
#
loop_
_chem_comp.id
_chem_comp.type
_chem_comp.name
_chem_comp.formula
EDO non-polymer 1,2-ETHANEDIOL 'C2 H6 O2'
#
# COMPACT_ATOMS: atom_id res chain seq x y z
N MET A 7 -8.59 -23.39 -0.29
CA MET A 7 -9.88 -22.87 0.27
C MET A 7 -10.75 -22.33 -0.86
N PRO A 8 -12.11 -22.55 -0.93
CA PRO A 8 -12.90 -22.01 -2.05
C PRO A 8 -12.76 -20.49 -2.19
N LEU A 9 -12.98 -19.99 -3.39
CA LEU A 9 -13.09 -18.55 -3.62
C LEU A 9 -14.26 -18.01 -2.79
N ASP A 10 -14.07 -16.88 -2.12
CA ASP A 10 -15.17 -16.26 -1.40
C ASP A 10 -16.35 -16.07 -2.37
N PRO A 11 -17.62 -16.38 -1.99
CA PRO A 11 -18.74 -16.23 -2.93
C PRO A 11 -18.92 -14.85 -3.58
N ARG A 12 -18.82 -13.77 -2.81
CA ARG A 12 -18.97 -12.43 -3.37
C ARG A 12 -17.86 -12.08 -4.37
N VAL A 13 -16.61 -12.48 -4.04
CA VAL A 13 -15.49 -12.31 -4.96
C VAL A 13 -15.77 -13.01 -6.28
N GLU A 14 -16.29 -14.22 -6.20
CA GLU A 14 -16.51 -14.98 -7.41
C GLU A 14 -17.55 -14.27 -8.28
N GLN A 15 -18.60 -13.73 -7.64
CA GLN A 15 -19.61 -12.96 -8.33
C GLN A 15 -19.00 -11.73 -8.99
N PHE A 16 -18.12 -11.02 -8.26
CA PHE A 16 -17.45 -9.84 -8.78
C PHE A 16 -16.66 -10.18 -10.03
N LEU A 17 -15.81 -11.22 -9.95
CA LEU A 17 -15.02 -11.63 -11.08
C LEU A 17 -15.88 -11.98 -12.28
N ALA A 18 -17.03 -12.64 -12.04
CA ALA A 18 -17.88 -13.08 -13.13
C ALA A 18 -18.54 -11.91 -13.87
N GLN A 19 -18.71 -10.76 -13.21
CA GLN A 19 -19.45 -9.64 -13.76
C GLN A 19 -18.49 -8.63 -14.41
N MET A 20 -17.17 -8.88 -14.36
CA MET A 20 -16.22 -8.03 -15.06
C MET A 20 -16.39 -8.19 -16.57
N PRO A 21 -16.26 -7.12 -17.38
CA PRO A 21 -16.26 -7.26 -18.84
C PRO A 21 -15.04 -8.01 -19.40
N LEU A 28 -6.77 0.94 -25.14
CA LEU A 28 -7.08 2.40 -24.99
C LEU A 28 -5.83 3.14 -24.51
N SER A 29 -5.94 4.47 -24.41
CA SER A 29 -4.82 5.32 -24.07
C SER A 29 -4.52 5.30 -22.57
N LEU A 30 -3.35 5.80 -22.22
CA LEU A 30 -2.95 5.93 -20.82
C LEU A 30 -3.99 6.78 -20.08
N ALA A 31 -4.39 7.92 -20.66
CA ALA A 31 -5.31 8.82 -19.98
C ALA A 31 -6.62 8.10 -19.74
N GLU A 32 -7.04 7.32 -20.75
CA GLU A 32 -8.32 6.61 -20.71
C GLU A 32 -8.26 5.45 -19.72
N ALA A 33 -7.11 4.79 -19.64
CA ALA A 33 -6.93 3.68 -18.70
C ALA A 33 -6.96 4.19 -17.26
N ARG A 34 -6.44 5.39 -17.05
CA ARG A 34 -6.38 6.02 -15.75
C ARG A 34 -7.79 6.43 -15.33
N GLN A 35 -8.56 6.91 -16.31
CA GLN A 35 -9.93 7.32 -16.06
C GLN A 35 -10.79 6.10 -15.74
N GLN A 36 -10.56 4.97 -16.42
CA GLN A 36 -11.36 3.77 -16.21
C GLN A 36 -11.08 3.19 -14.81
N PHE A 37 -9.82 3.18 -14.39
CA PHE A 37 -9.47 2.76 -13.05
C PHE A 37 -10.17 3.64 -12.01
N LYS A 38 -10.20 4.95 -12.28
CA LYS A 38 -10.82 5.90 -11.37
C LYS A 38 -12.34 5.71 -11.34
N GLN A 39 -12.94 5.39 -12.48
CA GLN A 39 -14.38 5.13 -12.56
C GLN A 39 -14.78 3.91 -11.74
N GLY A 40 -13.98 2.84 -11.86
CA GLY A 40 -14.20 1.61 -11.10
C GLY A 40 -14.20 1.85 -9.59
N ALA A 41 -13.23 2.64 -9.11
CA ALA A 41 -13.16 3.01 -7.71
C ALA A 41 -14.38 3.80 -7.28
N LEU A 42 -14.86 4.73 -8.12
CA LEU A 42 -16.02 5.53 -7.79
C LEU A 42 -17.23 4.62 -7.65
N LEU A 43 -17.35 3.65 -8.57
CA LEU A 43 -18.51 2.78 -8.63
C LEU A 43 -18.58 1.97 -7.33
N LEU A 44 -17.45 1.50 -6.83
CA LEU A 44 -17.44 0.70 -5.61
C LEU A 44 -17.81 1.55 -4.40
N ASP A 45 -17.30 2.80 -4.36
CA ASP A 45 -17.67 3.73 -3.29
C ASP A 45 -19.14 4.12 -3.34
N GLN A 46 -19.73 4.23 -4.54
CA GLN A 46 -21.18 4.45 -4.63
C GLN A 46 -21.94 3.25 -4.06
N MET A 47 -21.42 2.06 -4.29
CA MET A 47 -22.11 0.87 -3.81
C MET A 47 -22.02 0.78 -2.28
N VAL A 48 -20.87 1.15 -1.74
CA VAL A 48 -20.69 1.08 -0.30
C VAL A 48 -20.02 2.37 0.15
N PRO A 49 -20.80 3.44 0.41
CA PRO A 49 -20.23 4.74 0.76
C PRO A 49 -19.22 4.73 1.91
N PRO A 50 -18.19 5.60 1.83
CA PRO A 50 -17.24 5.70 2.92
C PRO A 50 -17.82 6.45 4.09
N PRO A 51 -17.20 6.31 5.29
CA PRO A 51 -17.61 7.07 6.46
C PRO A 51 -17.20 8.51 6.24
N PRO A 52 -18.05 9.45 6.68
CA PRO A 52 -17.64 10.86 6.71
C PRO A 52 -16.37 11.00 7.55
N VAL A 53 -15.51 11.91 7.09
CA VAL A 53 -14.26 12.18 7.77
C VAL A 53 -13.78 13.56 7.37
N ASP A 54 -13.29 14.31 8.35
CA ASP A 54 -12.64 15.59 8.15
C ASP A 54 -11.28 15.41 7.45
N THR A 55 -11.06 16.20 6.40
CA THR A 55 -9.81 16.16 5.65
C THR A 55 -9.33 17.57 5.35
N GLU A 56 -8.04 17.67 5.08
CA GLU A 56 -7.35 18.90 4.71
C GLU A 56 -6.36 18.55 3.60
N ASP A 57 -6.47 19.23 2.47
CA ASP A 57 -5.54 19.01 1.37
C ASP A 57 -4.32 19.90 1.59
N GLY A 58 -3.16 19.41 1.18
CA GLY A 58 -1.91 20.15 1.30
C GLY A 58 -0.93 19.71 0.22
N THR A 59 0.24 20.35 0.22
CA THR A 59 1.29 19.99 -0.71
C THR A 59 2.62 19.95 0.04
N VAL A 60 3.38 18.88 -0.17
CA VAL A 60 4.68 18.74 0.48
C VAL A 60 5.77 19.01 -0.57
N VAL A 61 6.80 19.77 -0.15
CA VAL A 61 7.95 20.01 -1.00
C VAL A 61 8.89 18.82 -0.88
N THR A 62 9.04 18.08 -1.98
CA THR A 62 9.98 16.97 -2.06
C THR A 62 11.17 17.33 -2.96
N THR A 63 12.15 16.41 -2.96
CA THR A 63 13.35 16.58 -3.76
C THR A 63 13.08 16.42 -5.27
N HIS A 64 11.86 15.98 -5.61
CA HIS A 64 11.45 15.79 -6.99
C HIS A 64 10.25 16.67 -7.34
N GLY A 65 9.88 17.55 -6.42
CA GLY A 65 8.86 18.53 -6.70
C GLY A 65 7.73 18.45 -5.68
N PRO A 66 6.70 19.29 -5.87
CA PRO A 66 5.53 19.30 -5.00
C PRO A 66 4.79 17.98 -5.14
N VAL A 67 4.42 17.44 -3.98
CA VAL A 67 3.56 16.26 -3.92
C VAL A 67 2.31 16.58 -3.10
N ARG A 68 1.14 16.43 -3.74
CA ARG A 68 -0.10 16.68 -3.02
C ARG A 68 -0.35 15.57 -2.00
N ILE A 69 -0.90 15.98 -0.85
CA ILE A 69 -1.30 15.09 0.22
C ILE A 69 -2.71 15.46 0.65
N ARG A 70 -3.36 14.52 1.33
CA ARG A 70 -4.59 14.79 2.06
C ARG A 70 -4.46 14.22 3.47
N ARG A 71 -4.62 15.09 4.48
CA ARG A 71 -4.56 14.67 5.87
C ARG A 71 -6.00 14.35 6.32
N TYR A 72 -6.14 13.17 6.91
CA TYR A 72 -7.40 12.70 7.45
C TYR A 72 -7.35 12.83 8.96
N ILE A 73 -8.39 13.44 9.55
CA ILE A 73 -8.44 13.70 10.98
C ILE A 73 -9.57 12.86 11.56
N PRO A 74 -9.30 11.94 12.51
CA PRO A 74 -10.35 11.08 13.03
C PRO A 74 -11.27 11.88 13.94
N ASP A 75 -12.52 11.40 14.08
CA ASP A 75 -13.47 11.98 15.03
C ASP A 75 -12.87 11.93 16.43
N ARG A 76 -12.26 10.80 16.77
CA ARG A 76 -11.69 10.57 18.08
C ARG A 76 -10.26 10.07 17.88
N LEU A 77 -9.26 10.87 18.26
CA LEU A 77 -7.86 10.48 18.08
C LEU A 77 -7.49 9.47 19.16
N ARG A 78 -7.06 8.27 18.76
CA ARG A 78 -6.77 7.21 19.70
C ARG A 78 -5.35 6.67 19.52
N PHE A 79 -4.75 6.86 18.35
CA PHE A 79 -3.43 6.30 18.06
C PHE A 79 -2.37 7.42 18.00
N SER A 80 -1.17 7.16 18.56
CA SER A 80 -0.26 8.24 18.90
C SER A 80 0.78 8.49 17.81
N HIS A 81 0.67 7.83 16.65
CA HIS A 81 1.60 8.07 15.57
C HIS A 81 0.79 8.44 14.33
N PRO A 82 1.30 9.34 13.46
CA PRO A 82 0.68 9.56 12.17
C PRO A 82 0.93 8.36 11.28
N LEU A 83 -0.08 8.03 10.47
CA LEU A 83 0.07 7.06 9.39
C LEU A 83 0.33 7.84 8.11
N VAL A 84 1.24 7.33 7.32
CA VAL A 84 1.50 7.82 5.99
C VAL A 84 1.19 6.69 5.02
N PHE A 85 0.20 6.96 4.14
CA PHE A 85 -0.36 5.97 3.26
C PHE A 85 -0.02 6.27 1.79
N TYR A 86 0.45 5.21 1.11
CA TYR A 86 0.80 5.30 -0.29
C TYR A 86 -0.09 4.36 -1.09
N HIS A 87 -0.88 4.92 -2.01
CA HIS A 87 -1.88 4.16 -2.73
C HIS A 87 -1.22 3.22 -3.74
N GLY A 88 -1.95 2.16 -4.09
CA GLY A 88 -1.56 1.26 -5.15
C GLY A 88 -2.11 1.69 -6.50
N GLY A 89 -1.88 0.82 -7.48
CA GLY A 89 -2.22 1.09 -8.85
C GLY A 89 -1.10 0.82 -9.84
N GLY A 90 -0.21 -0.12 -9.49
CA GLY A 90 0.81 -0.56 -10.44
C GLY A 90 1.88 0.50 -10.76
N PHE A 91 1.96 1.56 -9.92
CA PHE A 91 2.80 2.74 -10.12
C PHE A 91 2.30 3.68 -11.23
N VAL A 92 1.20 3.33 -11.90
CA VAL A 92 0.74 4.04 -13.09
C VAL A 92 -0.65 4.67 -12.87
N PHE A 93 -1.48 4.02 -12.05
CA PHE A 93 -2.84 4.41 -11.81
C PHE A 93 -3.03 4.80 -10.35
N GLY A 94 -4.19 5.39 -10.06
CA GLY A 94 -4.62 5.66 -8.70
C GLY A 94 -4.28 7.09 -8.29
N ASP A 95 -4.91 7.53 -7.22
CA ASP A 95 -4.68 8.85 -6.65
C ASP A 95 -5.29 8.82 -5.25
N ILE A 96 -5.31 9.99 -4.62
CA ILE A 96 -5.87 10.09 -3.28
C ILE A 96 -7.36 9.72 -3.30
N ASP A 97 -8.05 10.08 -4.38
CA ASP A 97 -9.49 9.87 -4.45
C ASP A 97 -9.81 8.39 -4.64
N THR A 98 -8.99 7.68 -5.42
CA THR A 98 -9.25 6.25 -5.64
C THR A 98 -9.15 5.44 -4.34
N HIS A 99 -8.40 5.95 -3.36
CA HIS A 99 -8.10 5.19 -2.15
C HIS A 99 -8.75 5.82 -0.92
N HIS A 100 -9.60 6.82 -1.15
CA HIS A 100 -10.32 7.48 -0.08
C HIS A 100 -11.17 6.50 0.74
N GLY A 101 -11.78 5.53 0.07
CA GLY A 101 -12.62 4.57 0.79
C GLY A 101 -11.84 3.79 1.86
N LEU A 102 -10.62 3.36 1.51
CA LEU A 102 -9.74 2.70 2.45
C LEU A 102 -9.23 3.68 3.50
N VAL A 103 -8.74 4.84 3.07
CA VAL A 103 -8.07 5.72 4.01
C VAL A 103 -9.06 6.32 5.02
N ALA A 104 -10.25 6.71 4.57
CA ALA A 104 -11.29 7.19 5.47
C ALA A 104 -11.55 6.16 6.57
N ARG A 105 -11.64 4.88 6.20
CA ARG A 105 -11.90 3.82 7.18
C ARG A 105 -10.71 3.58 8.11
N LEU A 106 -9.49 3.59 7.55
CA LEU A 106 -8.32 3.45 8.41
C LEU A 106 -8.33 4.58 9.44
N CYS A 107 -8.55 5.81 8.97
CA CYS A 107 -8.55 6.96 9.85
C CYS A 107 -9.56 6.77 10.99
N GLN A 108 -10.83 6.50 10.66
CA GLN A 108 -11.87 6.49 11.68
C GLN A 108 -11.80 5.24 12.56
N THR A 109 -11.48 4.08 11.99
CA THR A 109 -11.47 2.84 12.74
C THR A 109 -10.28 2.77 13.70
N VAL A 110 -9.09 3.11 13.19
CA VAL A 110 -7.90 3.12 14.04
C VAL A 110 -7.97 4.30 15.01
N GLY A 111 -8.64 5.38 14.58
CA GLY A 111 -8.56 6.66 15.27
C GLY A 111 -7.19 7.30 15.12
N ALA A 112 -6.71 7.35 13.86
CA ALA A 112 -5.37 7.85 13.54
C ALA A 112 -5.45 8.98 12.52
N THR A 113 -4.52 9.92 12.65
CA THR A 113 -4.27 10.87 11.58
C THR A 113 -3.55 10.13 10.47
N VAL A 114 -4.05 10.30 9.24
CA VAL A 114 -3.46 9.64 8.10
C VAL A 114 -3.13 10.69 7.05
N ILE A 115 -1.94 10.53 6.47
CA ILE A 115 -1.50 11.33 5.35
C ILE A 115 -1.53 10.45 4.12
N SER A 116 -2.44 10.77 3.19
CA SER A 116 -2.55 10.05 1.93
C SER A 116 -1.75 10.80 0.88
N VAL A 117 -0.88 10.06 0.17
CA VAL A 117 0.12 10.69 -0.66
C VAL A 117 -0.21 10.51 -2.16
N ASP A 118 -0.20 11.64 -2.91
CA ASP A 118 -0.34 11.63 -4.35
CA ASP A 118 -0.34 11.62 -4.36
C ASP A 118 1.05 11.68 -5.01
N TYR A 119 1.79 10.58 -4.89
CA TYR A 119 3.13 10.51 -5.46
C TYR A 119 3.05 10.50 -6.99
N SER A 120 4.17 10.83 -7.63
CA SER A 120 4.25 10.94 -9.09
C SER A 120 4.15 9.56 -9.74
N LEU A 121 3.31 9.47 -10.79
CA LEU A 121 3.02 8.22 -11.47
C LEU A 121 3.93 8.04 -12.68
N ALA A 122 4.14 6.75 -13.01
CA ALA A 122 4.87 6.30 -14.19
C ALA A 122 3.85 6.26 -15.33
N PRO A 123 4.26 6.33 -16.61
CA PRO A 123 5.66 6.44 -17.01
C PRO A 123 6.27 7.86 -16.97
N GLU A 124 5.46 8.87 -16.63
CA GLU A 124 5.92 10.23 -16.65
C GLU A 124 7.08 10.40 -15.68
N ALA A 125 6.95 9.81 -14.48
CA ALA A 125 8.01 9.73 -13.49
C ALA A 125 8.43 8.27 -13.42
N LYS A 126 9.73 8.01 -13.47
CA LYS A 126 10.22 6.63 -13.44
C LYS A 126 10.87 6.36 -12.10
N PHE A 127 10.96 5.05 -11.79
CA PHE A 127 11.78 4.56 -10.71
C PHE A 127 13.12 5.28 -10.74
N PRO A 128 13.70 5.77 -9.61
CA PRO A 128 13.13 5.65 -8.26
C PRO A 128 12.45 6.90 -7.70
N VAL A 129 11.87 7.70 -8.60
CA VAL A 129 11.35 9.00 -8.23
C VAL A 129 10.30 8.87 -7.12
N PRO A 130 9.23 8.04 -7.28
CA PRO A 130 8.25 7.97 -6.21
C PRO A 130 8.80 7.47 -4.89
N VAL A 131 9.88 6.67 -4.92
CA VAL A 131 10.46 6.22 -3.67
C VAL A 131 11.01 7.44 -2.92
N ALA A 132 11.80 8.27 -3.63
CA ALA A 132 12.32 9.51 -3.08
C ALA A 132 11.19 10.38 -2.52
N GLU A 133 10.14 10.57 -3.32
CA GLU A 133 9.00 11.38 -2.86
C GLU A 133 8.38 10.85 -1.57
N CYS A 134 8.21 9.54 -1.53
CA CYS A 134 7.58 8.90 -0.40
C CYS A 134 8.41 9.02 0.88
N ILE A 135 9.76 8.97 0.74
CA ILE A 135 10.65 9.22 1.87
C ILE A 135 10.46 10.67 2.36
N ASP A 136 10.44 11.60 1.40
CA ASP A 136 10.37 13.01 1.72
C ASP A 136 9.09 13.31 2.49
N VAL A 137 7.96 12.72 2.03
CA VAL A 137 6.71 12.96 2.70
C VAL A 137 6.71 12.35 4.10
N ALA A 138 7.30 11.15 4.25
CA ALA A 138 7.44 10.51 5.54
C ALA A 138 8.22 11.39 6.52
N ARG A 139 9.28 12.02 6.01
CA ARG A 139 10.14 12.88 6.81
C ARG A 139 9.37 14.13 7.26
N TRP A 140 8.62 14.70 6.32
CA TRP A 140 7.75 15.82 6.63
C TRP A 140 6.79 15.46 7.76
N ALA A 141 6.13 14.32 7.62
CA ALA A 141 5.12 13.92 8.61
C ALA A 141 5.76 13.72 9.97
N ALA A 142 6.97 13.13 10.00
CA ALA A 142 7.68 12.94 11.26
C ALA A 142 7.97 14.29 11.92
N HIS A 143 8.25 15.33 11.12
CA HIS A 143 8.55 16.66 11.64
C HIS A 143 7.30 17.40 12.15
N GLU A 144 6.16 17.20 11.49
CA GLU A 144 4.89 17.83 11.87
C GLU A 144 4.26 17.16 13.10
N ALA A 145 4.56 15.87 13.35
CA ALA A 145 3.79 15.06 14.28
C ALA A 145 3.61 15.73 15.66
N PRO A 146 4.65 16.30 16.32
CA PRO A 146 4.44 16.96 17.62
C PRO A 146 3.39 18.07 17.64
N GLY A 147 3.25 18.80 16.53
CA GLY A 147 2.29 19.89 16.44
C GLY A 147 0.86 19.41 16.27
N TRP A 148 0.72 18.12 15.91
CA TRP A 148 -0.54 17.41 15.85
C TRP A 148 -0.80 16.67 17.17
N GLY A 149 0.15 16.83 18.11
CA GLY A 149 0.10 16.21 19.43
C GLY A 149 0.48 14.73 19.43
N LEU A 150 1.42 14.34 18.54
CA LEU A 150 1.72 12.93 18.29
C LEU A 150 3.21 12.66 18.45
N LYS A 151 3.56 11.38 18.52
CA LYS A 151 4.94 10.93 18.53
C LYS A 151 5.54 11.15 17.15
N PRO A 152 6.83 11.55 17.05
CA PRO A 152 7.48 11.75 15.76
C PRO A 152 7.65 10.50 14.88
N SER A 153 7.62 9.31 15.47
CA SER A 153 7.77 8.10 14.69
C SER A 153 6.48 7.81 13.90
N ILE A 154 6.61 7.51 12.62
CA ILE A 154 5.45 7.34 11.75
C ILE A 154 5.20 5.86 11.49
N VAL A 155 3.97 5.57 11.05
CA VAL A 155 3.62 4.29 10.48
C VAL A 155 3.40 4.49 8.99
N VAL A 156 4.13 3.72 8.17
CA VAL A 156 3.91 3.73 6.73
C VAL A 156 3.01 2.55 6.36
N ALA A 157 2.24 2.77 5.29
CA ALA A 157 1.26 1.78 4.86
C ALA A 157 1.02 1.94 3.38
N GLY A 158 0.61 0.83 2.75
CA GLY A 158 0.14 0.95 1.38
C GLY A 158 -0.30 -0.40 0.85
N ASP A 159 -1.11 -0.34 -0.22
CA ASP A 159 -1.59 -1.53 -0.91
C ASP A 159 -0.85 -1.74 -2.23
N SER A 160 -0.54 -3.01 -2.56
CA SER A 160 -0.01 -3.33 -3.88
C SER A 160 1.31 -2.57 -4.16
N ALA A 161 1.35 -1.77 -5.24
CA ALA A 161 2.49 -0.88 -5.52
C ALA A 161 2.77 0.01 -4.33
N GLY A 162 1.74 0.47 -3.62
CA GLY A 162 1.91 1.32 -2.45
C GLY A 162 2.53 0.55 -1.29
N GLY A 163 2.25 -0.76 -1.22
CA GLY A 163 2.89 -1.63 -0.24
C GLY A 163 4.37 -1.81 -0.56
N ASN A 164 4.69 -1.85 -1.85
CA ASN A 164 6.10 -1.85 -2.27
C ASN A 164 6.77 -0.60 -1.71
N LEU A 165 6.14 0.57 -1.93
CA LEU A 165 6.74 1.82 -1.51
C LEU A 165 6.92 1.82 0.01
N ALA A 166 5.91 1.37 0.73
CA ALA A 166 6.02 1.38 2.18
C ALA A 166 7.18 0.49 2.63
N ALA A 167 7.35 -0.66 2.00
CA ALA A 167 8.39 -1.61 2.36
C ALA A 167 9.78 -1.01 2.09
N VAL A 168 9.93 -0.30 0.96
CA VAL A 168 11.20 0.30 0.59
C VAL A 168 11.52 1.47 1.52
N VAL A 169 10.54 2.32 1.76
CA VAL A 169 10.74 3.43 2.69
C VAL A 169 11.18 2.86 4.05
N SER A 170 10.58 1.75 4.50
CA SER A 170 10.97 1.14 5.77
C SER A 170 12.42 0.64 5.72
N GLN A 171 12.86 0.04 4.60
CA GLN A 171 14.25 -0.43 4.50
C GLN A 171 15.25 0.72 4.47
N ARG A 172 14.85 1.87 3.92
CA ARG A 172 15.70 3.05 3.86
C ARG A 172 15.63 3.87 5.13
N ALA A 173 14.71 3.59 6.07
CA ALA A 173 14.43 4.56 7.12
C ALA A 173 15.66 4.92 7.95
N LYS A 174 16.39 3.92 8.45
CA LYS A 174 17.51 4.23 9.32
C LYS A 174 18.51 5.09 8.57
N ASP A 175 18.79 4.72 7.29
CA ASP A 175 19.82 5.44 6.55
C ASP A 175 19.38 6.86 6.25
N GLU A 176 18.06 7.09 6.17
CA GLU A 176 17.52 8.39 5.90
C GLU A 176 17.17 9.14 7.18
N SER A 177 17.54 8.61 8.37
CA SER A 177 17.21 9.21 9.67
C SER A 177 15.71 9.51 9.79
N LEU A 178 14.91 8.52 9.40
CA LEU A 178 13.47 8.61 9.40
C LEU A 178 12.94 7.65 10.46
N PRO A 179 12.30 8.16 11.53
CA PRO A 179 11.78 7.29 12.59
C PRO A 179 10.46 6.66 12.17
N ILE A 180 10.46 5.34 12.06
CA ILE A 180 9.29 4.56 11.63
C ILE A 180 8.98 3.52 12.70
N ALA A 181 7.75 3.57 13.22
CA ALA A 181 7.29 2.71 14.29
C ALA A 181 6.69 1.41 13.78
N ALA A 182 6.15 1.41 12.56
CA ALA A 182 5.63 0.18 11.96
C ALA A 182 5.45 0.36 10.46
N GLN A 183 5.31 -0.79 9.77
CA GLN A 183 4.96 -0.82 8.36
C GLN A 183 3.76 -1.75 8.16
N LEU A 184 2.81 -1.28 7.36
CA LEU A 184 1.62 -2.07 7.08
C LEU A 184 1.57 -2.31 5.56
N LEU A 185 1.76 -3.58 5.16
CA LEU A 185 1.88 -3.96 3.78
C LEU A 185 0.63 -4.75 3.37
N PHE A 186 -0.17 -4.18 2.47
CA PHE A 186 -1.38 -4.84 2.03
C PHE A 186 -1.14 -5.40 0.64
N TYR A 187 -1.09 -6.74 0.53
CA TYR A 187 -0.74 -7.47 -0.69
C TYR A 187 0.29 -6.72 -1.53
N PRO A 188 1.50 -6.49 -0.96
CA PRO A 188 2.52 -5.72 -1.67
C PRO A 188 3.21 -6.51 -2.79
N ALA A 189 3.75 -5.78 -3.77
CA ALA A 189 4.71 -6.32 -4.71
C ALA A 189 6.09 -6.13 -4.08
N LEU A 190 6.91 -7.18 -4.03
CA LEU A 190 8.18 -7.07 -3.32
C LEU A 190 9.37 -7.66 -4.07
N ASP A 191 9.12 -8.48 -5.11
CA ASP A 191 10.20 -9.19 -5.79
C ASP A 191 9.81 -9.25 -7.27
N MET A 192 10.46 -8.39 -8.05
CA MET A 192 10.23 -8.31 -9.48
C MET A 192 11.14 -9.27 -10.25
N VAL A 193 12.01 -10.03 -9.58
CA VAL A 193 12.98 -10.89 -10.24
C VAL A 193 12.41 -12.31 -10.35
N HIS A 194 11.91 -12.83 -9.22
CA HIS A 194 11.65 -14.27 -9.10
C HIS A 194 10.19 -14.57 -9.41
N GLU A 195 9.96 -15.73 -10.03
CA GLU A 195 8.62 -16.27 -10.14
C GLU A 195 8.41 -17.07 -8.84
N THR A 196 7.19 -17.01 -8.32
CA THR A 196 6.78 -17.83 -7.20
C THR A 196 5.67 -18.73 -7.69
N PRO A 197 5.28 -19.77 -6.92
CA PRO A 197 4.16 -20.61 -7.31
C PRO A 197 2.87 -19.81 -7.49
N SER A 198 2.55 -18.87 -6.59
CA SER A 198 1.32 -18.09 -6.72
C SER A 198 1.34 -17.24 -7.99
N LYS A 199 2.51 -16.75 -8.36
CA LYS A 199 2.63 -15.96 -9.58
C LYS A 199 2.28 -16.79 -10.81
N ARG A 200 2.56 -18.10 -10.79
CA ARG A 200 2.19 -19.02 -11.87
C ARG A 200 0.72 -19.42 -11.74
N ASP A 201 0.35 -19.87 -10.54
CA ASP A 201 -0.95 -20.50 -10.30
C ASP A 201 -2.11 -19.52 -10.52
N PHE A 202 -1.90 -18.22 -10.25
CA PHE A 202 -2.99 -17.25 -10.28
C PHE A 202 -2.70 -16.13 -11.28
N ALA A 203 -2.06 -16.49 -12.39
CA ALA A 203 -1.50 -15.51 -13.31
C ALA A 203 -2.58 -14.73 -14.04
N ARG A 204 -3.75 -15.34 -14.22
CA ARG A 204 -4.80 -14.77 -15.05
C ARG A 204 -6.14 -15.06 -14.39
N GLY A 205 -7.03 -14.07 -14.48
CA GLY A 205 -8.43 -14.24 -14.10
C GLY A 205 -8.75 -13.80 -12.67
N TYR A 206 -7.75 -13.31 -11.93
CA TYR A 206 -7.95 -12.86 -10.54
C TYR A 206 -7.65 -11.36 -10.39
N LEU A 207 -8.03 -10.55 -11.40
CA LEU A 207 -8.04 -9.08 -11.39
C LEU A 207 -6.65 -8.52 -11.68
N LEU A 208 -5.66 -8.87 -10.86
CA LEU A 208 -4.26 -8.54 -11.11
C LEU A 208 -3.68 -9.67 -11.95
N GLU A 209 -3.32 -9.39 -13.21
CA GLU A 209 -2.83 -10.41 -14.11
C GLU A 209 -1.36 -10.22 -14.52
N ALA A 210 -0.73 -11.31 -14.96
CA ALA A 210 0.65 -11.36 -15.43
C ALA A 210 0.97 -10.27 -16.45
N ASP A 211 0.13 -10.14 -17.49
CA ASP A 211 0.38 -9.20 -18.57
C ASP A 211 0.37 -7.76 -18.08
N ALA A 212 -0.54 -7.45 -17.14
CA ALA A 212 -0.62 -6.10 -16.59
C ALA A 212 0.64 -5.78 -15.78
N MET A 213 1.08 -6.79 -15.01
CA MET A 213 2.21 -6.60 -14.12
C MET A 213 3.47 -6.32 -14.95
N GLN A 214 3.64 -7.05 -16.06
CA GLN A 214 4.70 -6.83 -17.04
C GLN A 214 4.66 -5.39 -17.53
N TRP A 215 3.47 -4.96 -17.93
CA TRP A 215 3.31 -3.64 -18.49
C TRP A 215 3.62 -2.55 -17.45
N PHE A 216 3.12 -2.73 -16.23
CA PHE A 216 3.41 -1.80 -15.14
C PHE A 216 4.93 -1.65 -14.99
N GLY A 217 5.66 -2.79 -14.97
CA GLY A 217 7.12 -2.78 -14.85
C GLY A 217 7.80 -2.00 -15.96
N GLU A 218 7.28 -2.16 -17.19
CA GLU A 218 7.78 -1.45 -18.35
C GLU A 218 7.57 0.05 -18.19
N GLN A 219 6.48 0.44 -17.52
CA GLN A 219 6.19 1.87 -17.37
C GLN A 219 7.07 2.47 -16.28
N TYR A 220 7.29 1.70 -15.19
CA TYR A 220 7.88 2.24 -13.98
C TYR A 220 9.40 2.21 -14.06
N LEU A 221 9.95 1.05 -14.44
CA LEU A 221 11.40 0.86 -14.43
C LEU A 221 12.07 1.60 -15.61
N ARG A 222 13.37 1.94 -15.43
CA ARG A 222 14.13 2.61 -16.47
C ARG A 222 14.63 1.60 -17.50
N THR A 223 15.14 0.47 -17.02
CA THR A 223 15.62 -0.59 -17.87
C THR A 223 15.31 -1.92 -17.18
N PRO A 224 15.32 -3.04 -17.94
CA PRO A 224 15.09 -4.36 -17.35
C PRO A 224 15.93 -4.71 -16.11
N ASP A 225 17.13 -4.14 -16.01
CA ASP A 225 18.06 -4.45 -14.93
C ASP A 225 17.57 -3.89 -13.60
N ASP A 226 16.68 -2.89 -13.64
CA ASP A 226 16.20 -2.27 -12.42
C ASP A 226 15.43 -3.27 -11.54
N VAL A 227 14.98 -4.40 -12.13
CA VAL A 227 14.21 -5.39 -11.38
C VAL A 227 15.00 -5.91 -10.19
N SER A 228 16.34 -5.90 -10.26
CA SER A 228 17.15 -6.45 -9.18
C SER A 228 17.62 -5.36 -8.20
N HIS A 229 17.20 -4.09 -8.39
CA HIS A 229 17.59 -3.01 -7.49
C HIS A 229 16.79 -3.20 -6.21
N PRO A 230 17.36 -3.15 -4.99
CA PRO A 230 16.53 -3.36 -3.79
C PRO A 230 15.45 -2.33 -3.56
N TRP A 231 15.56 -1.16 -4.18
CA TRP A 231 14.52 -0.15 -4.06
C TRP A 231 13.33 -0.44 -4.98
N ALA A 232 13.49 -1.36 -5.94
CA ALA A 232 12.40 -1.95 -6.71
C ALA A 232 11.91 -3.27 -6.12
N SER A 233 12.84 -4.11 -5.68
CA SER A 233 12.59 -5.47 -5.23
C SER A 233 13.10 -5.62 -3.80
N PRO A 234 12.40 -5.03 -2.80
CA PRO A 234 12.92 -5.01 -1.43
C PRO A 234 13.07 -6.40 -0.79
N ALA A 235 12.41 -7.41 -1.32
CA ALA A 235 12.56 -8.76 -0.80
C ALA A 235 13.97 -9.30 -1.06
N LEU A 236 14.75 -8.68 -1.97
CA LEU A 236 16.10 -9.15 -2.28
C LEU A 236 17.10 -8.71 -1.23
N SER A 237 16.71 -7.79 -0.34
CA SER A 237 17.66 -7.25 0.64
C SER A 237 18.08 -8.33 1.61
N PRO A 238 19.40 -8.58 1.78
CA PRO A 238 19.82 -9.70 2.61
C PRO A 238 19.74 -9.44 4.12
N ASP A 239 19.66 -8.18 4.55
CA ASP A 239 19.63 -7.86 5.97
C ASP A 239 18.33 -7.15 6.32
N LEU A 240 17.47 -7.88 7.01
CA LEU A 240 16.17 -7.32 7.42
C LEU A 240 16.17 -7.05 8.92
N THR A 241 17.33 -7.20 9.59
CA THR A 241 17.35 -6.99 11.04
C THR A 241 16.99 -5.53 11.37
N GLY A 242 16.23 -5.35 12.45
CA GLY A 242 16.00 -4.02 13.01
C GLY A 242 14.96 -3.20 12.23
N LEU A 243 14.30 -3.81 11.23
CA LEU A 243 13.29 -3.11 10.46
C LEU A 243 12.06 -2.91 11.33
N PRO A 244 11.16 -1.99 10.96
CA PRO A 244 9.99 -1.72 11.78
C PRO A 244 9.03 -2.89 11.84
N PRO A 245 8.38 -3.08 13.00
CA PRO A 245 7.28 -4.03 13.14
C PRO A 245 6.36 -4.00 11.93
N ALA A 246 5.99 -5.19 11.46
CA ALA A 246 5.35 -5.34 10.16
C ALA A 246 4.03 -6.11 10.29
N LEU A 247 2.97 -5.54 9.70
CA LEU A 247 1.76 -6.30 9.40
C LEU A 247 1.74 -6.55 7.90
N VAL A 248 1.68 -7.83 7.52
CA VAL A 248 1.68 -8.21 6.12
C VAL A 248 0.38 -8.96 5.84
N ILE A 249 -0.50 -8.31 5.10
CA ILE A 249 -1.79 -8.91 4.76
C ILE A 249 -1.74 -9.39 3.31
N THR A 250 -2.04 -10.68 3.08
CA THR A 250 -2.13 -11.25 1.74
C THR A 250 -3.54 -11.76 1.43
N ALA A 251 -3.81 -11.92 0.13
CA ALA A 251 -5.01 -12.57 -0.41
C ALA A 251 -4.63 -13.95 -0.92
N GLU A 252 -5.47 -14.95 -0.63
CA GLU A 252 -5.15 -16.32 -1.02
C GLU A 252 -4.94 -16.47 -2.53
N TYR A 253 -5.80 -15.84 -3.34
CA TYR A 253 -5.83 -16.08 -4.77
C TYR A 253 -5.27 -14.86 -5.49
N ASP A 254 -3.98 -14.61 -5.30
CA ASP A 254 -3.31 -13.40 -5.72
C ASP A 254 -1.94 -13.82 -6.21
N PRO A 255 -1.49 -13.44 -7.45
CA PRO A 255 -0.14 -13.82 -7.90
C PRO A 255 0.92 -13.30 -6.92
N LEU A 256 0.66 -12.17 -6.25
CA LEU A 256 1.69 -11.60 -5.36
C LEU A 256 1.67 -12.24 -3.96
N ARG A 257 0.74 -13.15 -3.68
CA ARG A 257 0.65 -13.74 -2.36
C ARG A 257 2.00 -14.26 -1.85
N ASP A 258 2.63 -15.15 -2.62
CA ASP A 258 3.76 -15.89 -2.08
C ASP A 258 4.94 -14.99 -1.72
N GLU A 259 5.24 -13.98 -2.55
CA GLU A 259 6.35 -13.09 -2.21
C GLU A 259 6.00 -12.27 -0.97
N GLY A 260 4.73 -11.89 -0.78
CA GLY A 260 4.36 -11.17 0.44
C GLY A 260 4.53 -12.05 1.69
N GLU A 261 4.09 -13.32 1.61
CA GLU A 261 4.18 -14.22 2.75
C GLU A 261 5.63 -14.61 3.01
N ALA A 262 6.43 -14.75 1.95
CA ALA A 262 7.84 -15.11 2.14
C ALA A 262 8.58 -13.97 2.82
N TYR A 263 8.26 -12.73 2.46
CA TYR A 263 8.88 -11.57 3.09
C TYR A 263 8.51 -11.51 4.57
N ALA A 264 7.24 -11.73 4.90
CA ALA A 264 6.80 -11.80 6.29
C ALA A 264 7.60 -12.84 7.07
N GLU A 265 7.82 -14.02 6.50
CA GLU A 265 8.58 -15.08 7.17
C GLU A 265 10.02 -14.61 7.38
N ALA A 266 10.57 -13.94 6.35
CA ALA A 266 11.94 -13.45 6.42
C ALA A 266 12.06 -12.38 7.50
N LEU A 267 11.08 -11.47 7.56
CA LEU A 267 11.13 -10.46 8.61
C LEU A 267 11.10 -11.16 9.97
N ARG A 268 10.21 -12.13 10.13
CA ARG A 268 10.03 -12.77 11.44
C ARG A 268 11.33 -13.44 11.90
N ALA A 269 12.00 -14.10 10.95
CA ALA A 269 13.22 -14.83 11.25
C ALA A 269 14.38 -13.85 11.50
N ALA A 270 14.23 -12.59 11.07
CA ALA A 270 15.21 -11.54 11.35
C ALA A 270 14.89 -10.78 12.64
N GLY A 271 13.93 -11.26 13.44
CA GLY A 271 13.66 -10.69 14.75
C GLY A 271 12.72 -9.50 14.74
N VAL A 272 12.17 -9.20 13.55
CA VAL A 272 11.21 -8.11 13.38
C VAL A 272 9.86 -8.61 13.85
N PRO A 273 9.20 -7.92 14.81
CA PRO A 273 7.84 -8.29 15.22
C PRO A 273 6.98 -8.23 13.97
N THR A 274 6.31 -9.36 13.66
CA THR A 274 5.64 -9.54 12.37
C THR A 274 4.31 -10.25 12.61
N GLU A 275 3.26 -9.69 12.03
CA GLU A 275 1.99 -10.39 11.97
C GLU A 275 1.66 -10.62 10.48
N GLN A 276 1.45 -11.88 10.12
CA GLN A 276 1.23 -12.32 8.75
C GLN A 276 -0.19 -12.90 8.69
N ILE A 277 -1.07 -12.24 7.91
CA ILE A 277 -2.46 -12.64 7.83
C ILE A 277 -2.83 -12.83 6.37
N ARG A 278 -3.20 -14.07 6.01
CA ARG A 278 -3.76 -14.38 4.70
C ARG A 278 -5.27 -14.42 4.84
N PHE A 279 -5.95 -13.62 4.02
CA PHE A 279 -7.40 -13.68 3.92
C PHE A 279 -7.77 -14.71 2.84
N ASP A 280 -8.25 -15.86 3.31
CA ASP A 280 -8.63 -16.98 2.46
C ASP A 280 -9.81 -16.61 1.55
N GLY A 281 -9.82 -17.17 0.35
CA GLY A 281 -10.88 -16.94 -0.61
C GLY A 281 -10.78 -15.60 -1.32
N MET A 282 -9.84 -14.73 -0.93
CA MET A 282 -9.83 -13.37 -1.43
C MET A 282 -8.85 -13.23 -2.61
N ILE A 283 -8.98 -12.07 -3.26
CA ILE A 283 -8.13 -11.67 -4.38
C ILE A 283 -7.38 -10.37 -4.08
N HIS A 284 -6.35 -10.12 -4.90
CA HIS A 284 -5.61 -8.85 -4.90
C HIS A 284 -6.61 -7.68 -4.93
N GLY A 285 -6.33 -6.64 -4.16
CA GLY A 285 -7.10 -5.42 -4.28
C GLY A 285 -8.24 -5.33 -3.27
N PHE A 286 -8.46 -6.37 -2.44
CA PHE A 286 -9.73 -6.48 -1.71
C PHE A 286 -9.89 -5.38 -0.66
N MET A 287 -8.81 -4.73 -0.22
CA MET A 287 -8.93 -3.69 0.80
C MET A 287 -9.29 -2.33 0.19
N THR A 288 -9.45 -2.21 -1.14
CA THR A 288 -10.10 -1.04 -1.72
C THR A 288 -11.42 -1.44 -2.40
N MET A 289 -12.01 -2.56 -1.97
CA MET A 289 -13.22 -3.08 -2.60
C MET A 289 -14.25 -3.32 -1.52
N PRO A 290 -15.00 -2.26 -1.12
CA PRO A 290 -15.84 -2.34 0.09
C PRO A 290 -17.10 -3.21 -0.04
N ILE A 291 -17.35 -3.75 -1.24
CA ILE A 291 -18.36 -4.78 -1.42
C ILE A 291 -17.99 -6.05 -0.64
N PHE A 292 -16.73 -6.22 -0.28
CA PHE A 292 -16.31 -7.39 0.48
C PHE A 292 -16.16 -7.07 1.97
N PRO A 293 -16.88 -7.78 2.86
CA PRO A 293 -16.72 -7.55 4.29
C PRO A 293 -15.31 -7.77 4.80
N GLN A 294 -14.52 -8.56 4.05
CA GLN A 294 -13.13 -8.81 4.43
C GLN A 294 -12.30 -7.52 4.40
N MET A 295 -12.69 -6.50 3.61
CA MET A 295 -12.01 -5.22 3.64
C MET A 295 -12.03 -4.62 5.06
N GLU A 296 -13.22 -4.55 5.67
CA GLU A 296 -13.35 -4.05 7.02
C GLU A 296 -12.74 -4.99 8.06
N ALA A 297 -12.77 -6.31 7.84
CA ALA A 297 -12.06 -7.22 8.71
C ALA A 297 -10.56 -6.91 8.73
N ALA A 298 -9.99 -6.62 7.56
CA ALA A 298 -8.56 -6.35 7.45
C ALA A 298 -8.24 -5.01 8.09
N ILE A 299 -9.16 -4.03 7.99
CA ILE A 299 -8.96 -2.76 8.70
C ILE A 299 -9.01 -2.97 10.21
N GLU A 300 -9.88 -3.87 10.70
CA GLU A 300 -9.86 -4.23 12.11
C GLU A 300 -8.51 -4.86 12.47
N ALA A 301 -7.96 -5.67 11.57
CA ALA A 301 -6.65 -6.28 11.79
C ALA A 301 -5.58 -5.18 12.00
N VAL A 302 -5.66 -4.13 11.19
CA VAL A 302 -4.74 -3.01 11.30
C VAL A 302 -4.88 -2.39 12.68
N ALA A 303 -6.12 -2.10 13.12
CA ALA A 303 -6.32 -1.46 14.42
C ALA A 303 -5.77 -2.30 15.56
N ARG A 304 -6.06 -3.61 15.53
CA ARG A 304 -5.61 -4.53 16.56
C ARG A 304 -4.08 -4.58 16.59
N PHE A 305 -3.47 -4.59 15.40
CA PHE A 305 -2.01 -4.62 15.29
C PHE A 305 -1.40 -3.33 15.87
N LEU A 306 -1.96 -2.18 15.51
CA LEU A 306 -1.43 -0.90 15.96
C LEU A 306 -1.67 -0.69 17.46
N GLU A 307 -2.68 -1.34 18.05
CA GLU A 307 -2.85 -1.31 19.50
C GLU A 307 -1.61 -1.84 20.21
N ARG A 308 -0.89 -2.76 19.57
CA ARG A 308 0.23 -3.43 20.21
C ARG A 308 1.54 -2.67 20.02
N ILE A 309 1.55 -1.56 19.25
CA ILE A 309 2.79 -0.89 18.91
C ILE A 309 3.34 -0.13 20.11
N ASP A 310 2.44 0.40 20.94
CA ASP A 310 2.83 1.13 22.14
C ASP A 310 2.27 0.46 23.40
C1 EDO B . -9.82 -2.21 -7.25
O1 EDO B . -8.49 -2.67 -6.93
C2 EDO B . -9.90 -0.82 -7.78
O2 EDO B . -10.67 -0.66 -8.97
H11 EDO B . -10.37 -2.27 -6.45
H12 EDO B . -10.20 -2.81 -7.92
HO1 EDO B . -8.60 -3.48 -6.57
H21 EDO B . -8.98 -0.49 -7.95
H22 EDO B . -10.28 -0.24 -7.08
HO2 EDO B . -10.21 -0.96 -9.64
C1 EDO C . -11.32 5.97 17.66
O1 EDO C . -11.78 6.89 16.70
C2 EDO C . -11.47 4.56 17.23
O2 EDO C . -10.39 3.75 17.67
H11 EDO C . -11.82 6.10 18.49
H12 EDO C . -10.37 6.14 17.83
HO1 EDO C . -11.65 7.77 17.06
H21 EDO C . -11.53 4.53 16.25
H22 EDO C . -12.30 4.20 17.60
HO2 EDO C . -9.68 4.00 17.26
C1 EDO D . -11.22 -14.16 4.77
O1 EDO D . -10.44 -14.89 5.74
C2 EDO D . -12.22 -14.92 3.95
O2 EDO D . -13.56 -14.94 4.47
H11 EDO D . -10.60 -13.72 4.15
H12 EDO D . -11.70 -13.45 5.24
HO1 EDO D . -9.88 -14.45 6.16
H21 EDO D . -11.91 -15.85 3.87
H22 EDO D . -12.23 -14.54 3.05
HO2 EDO D . -13.54 -14.83 5.31
C1 EDO E . 17.78 0.00 1.37
O1 EDO E . 18.67 1.01 0.95
C2 EDO E . 17.90 -1.16 0.52
O2 EDO E . 19.20 -1.78 0.69
H11 EDO E . 16.86 0.33 1.35
H12 EDO E . 17.99 -0.26 2.30
HO1 EDO E . 18.61 1.68 1.41
H21 EDO E . 17.79 -0.88 -0.41
H22 EDO E . 17.20 -1.81 0.74
HO2 EDO E . 19.80 -1.27 0.35
C1 EDO F . -15.22 -10.70 6.77
O1 EDO F . -16.11 -9.59 6.97
C2 EDO F . -15.56 -11.71 5.77
O2 EDO F . -16.69 -12.48 6.13
H11 EDO F . -15.13 -11.17 7.61
H12 EDO F . -14.34 -10.35 6.55
HO1 EDO F . -15.55 -9.01 7.81
H21 EDO F . -14.81 -12.30 5.64
H22 EDO F . -15.75 -11.25 4.92
HO2 EDO F . -17.39 -11.98 6.13
C1 EDO G . 11.74 -1.47 -18.30
O1 EDO G . 11.97 -0.59 -19.40
C2 EDO G . 11.55 -2.87 -18.72
O2 EDO G . 11.46 -3.80 -17.63
H11 EDO G . 10.94 -1.17 -17.82
H12 EDO G . 12.50 -1.41 -17.69
HO1 EDO G . 12.06 0.24 -19.04
H21 EDO G . 12.30 -3.13 -19.29
H22 EDO G . 10.73 -2.94 -19.24
HO2 EDO G . 10.82 -3.58 -17.11
C1 EDO H . 3.35 -3.35 -8.97
O1 EDO H . 3.49 -3.89 -10.28
C2 EDO H . 1.99 -3.50 -8.38
O2 EDO H . 1.17 -4.51 -8.99
H11 EDO H . 3.57 -2.39 -9.00
H12 EDO H . 4.00 -3.78 -8.38
HO1 EDO H . 4.23 -3.55 -10.46
H21 EDO H . 1.52 -2.65 -8.44
H22 EDO H . 2.08 -3.72 -7.43
HO2 EDO H . 1.13 -4.37 -9.82
#